data_5CHS
#
_entry.id   5CHS
#
_cell.length_a   64.793
_cell.length_b   77.237
_cell.length_c   136.533
_cell.angle_alpha   90.000
_cell.angle_beta   90.000
_cell.angle_gamma   90.000
#
_symmetry.space_group_name_H-M   'P 21 21 21'
#
loop_
_entity.id
_entity.type
_entity.pdbx_description
1 polymer 'RNA-directed RNA polymerase L'
2 non-polymer 'PENTAETHYLENE GLYCOL'
3 non-polymer 'SODIUM ION'
4 water water
#
_entity_poly.entity_id   1
_entity_poly.type   'polypeptide(L)'
_entity_poly.pdbx_seq_one_letter_code
;GSHADYNLNSPLISDDIDNLIRKFNSLPIPSMWDSKNWDGVLEMLTSCQANPISTSQMHKWMGSWLMSDNHDASQGYSFL
HEVDKEAEITFDVVETFIRGWGNKPIEYIKKERWTDSFKILAYLCQKFLDLHKLTLILNAVSEVELLNLARTFKGKVRRS
SHGTNICRIRVPSLGPTFISEGWAYFKKLDILMDRNFLLMVKDVIIGRMQTVLSMVCRIDNLFSEQDIFSLLNIYRIGDK
IVERQGNFSYDLIKMVEPICNLKLMKLARESRPLVPQFPHFENHIKTSVDEGAKIDRGIRFLHDQIMSVKTVDLTLVIYG
SFRHWGHPFIDYYTGLEKLHSQVTMKK
;
_entity_poly.pdbx_strand_id   A,B
#
# COMPACT_ATOMS: atom_id res chain seq x y z
N SER A 10 -6.30 24.48 -7.29
CA SER A 10 -6.00 25.89 -7.02
C SER A 10 -5.60 26.09 -5.55
N PRO A 11 -4.78 27.12 -5.28
CA PRO A 11 -4.27 27.36 -3.92
C PRO A 11 -5.37 27.58 -2.90
N LEU A 12 -5.17 27.08 -1.69
CA LEU A 12 -6.09 27.34 -0.59
C LEU A 12 -5.81 28.70 0.03
N ILE A 13 -6.72 29.64 -0.17
CA ILE A 13 -6.53 30.99 0.35
C ILE A 13 -7.64 31.40 1.30
N SER A 14 -7.32 32.31 2.21
CA SER A 14 -8.30 32.79 3.17
C SER A 14 -9.00 34.04 2.65
N ASP A 15 -8.46 34.62 1.58
CA ASP A 15 -8.86 35.94 1.11
C ASP A 15 -10.34 36.11 0.75
N ASP A 16 -10.90 35.15 0.04
CA ASP A 16 -12.28 35.26 -0.45
C ASP A 16 -13.26 35.17 0.72
N ILE A 17 -13.06 34.19 1.58
CA ILE A 17 -13.88 34.06 2.77
C ILE A 17 -13.76 35.31 3.65
N ASP A 18 -12.51 35.78 3.85
CA ASP A 18 -12.27 37.01 4.60
C ASP A 18 -13.06 38.19 4.04
N ASN A 19 -12.98 38.36 2.72
CA ASN A 19 -13.62 39.48 2.06
C ASN A 19 -15.13 39.44 2.17
N LEU A 20 -15.70 38.24 2.03
CA LEU A 20 -17.15 38.09 2.11
C LEU A 20 -17.67 38.36 3.52
N ILE A 21 -16.97 37.84 4.52
CA ILE A 21 -17.36 38.07 5.91
C ILE A 21 -17.26 39.57 6.23
N ARG A 22 -16.24 40.23 5.68
CA ARG A 22 -16.06 41.66 5.93
C ARG A 22 -17.23 42.45 5.35
N LYS A 23 -17.59 42.14 4.12
CA LYS A 23 -18.73 42.76 3.46
C LYS A 23 -20.04 42.53 4.22
N PHE A 24 -20.21 41.32 4.75
CA PHE A 24 -21.45 40.92 5.40
C PHE A 24 -21.77 41.73 6.66
N ASN A 25 -20.80 41.83 7.57
CA ASN A 25 -21.05 42.53 8.83
C ASN A 25 -20.71 44.02 8.72
N SER A 26 -20.71 44.53 7.50
CA SER A 26 -20.43 45.93 7.25
C SER A 26 -21.16 46.42 6.00
N ASP A 39 -23.42 38.87 -3.15
CA ASP A 39 -24.63 39.65 -3.43
C ASP A 39 -25.89 38.83 -3.10
N GLY A 40 -26.13 37.79 -3.88
CA GLY A 40 -27.15 36.81 -3.53
C GLY A 40 -26.70 35.98 -2.34
N VAL A 41 -25.38 35.88 -2.17
CA VAL A 41 -24.81 35.13 -1.04
C VAL A 41 -24.91 35.92 0.26
N LEU A 42 -24.69 37.23 0.16
CA LEU A 42 -24.88 38.11 1.30
C LEU A 42 -26.33 38.05 1.79
N GLU A 43 -27.26 38.02 0.85
CA GLU A 43 -28.68 37.86 1.16
C GLU A 43 -28.94 36.56 1.91
N MET A 44 -28.30 35.50 1.44
CA MET A 44 -28.39 34.19 2.08
C MET A 44 -27.90 34.21 3.53
N LEU A 45 -26.75 34.82 3.76
CA LEU A 45 -26.19 34.95 5.10
C LEU A 45 -27.10 35.78 6.02
N THR A 46 -27.65 36.86 5.47
CA THR A 46 -28.58 37.68 6.24
C THR A 46 -29.79 36.87 6.71
N SER A 47 -30.42 36.14 5.78
CA SER A 47 -31.56 35.29 6.09
C SER A 47 -31.29 34.30 7.21
N CYS A 48 -30.08 33.73 7.22
CA CYS A 48 -29.69 32.75 8.23
C CYS A 48 -29.33 33.40 9.55
N GLN A 49 -29.30 34.73 9.58
CA GLN A 49 -28.78 35.49 10.71
C GLN A 49 -27.38 34.98 11.06
N ALA A 50 -26.55 34.93 10.04
CA ALA A 50 -25.20 34.37 10.13
C ALA A 50 -24.27 35.20 11.02
N ASN A 51 -23.29 34.50 11.60
CA ASN A 51 -22.19 35.14 12.30
C ASN A 51 -20.94 34.28 12.11
N PRO A 52 -20.40 34.24 10.88
CA PRO A 52 -19.34 33.29 10.53
C PRO A 52 -18.06 33.54 11.32
N ILE A 53 -17.45 32.47 11.81
CA ILE A 53 -16.18 32.53 12.50
C ILE A 53 -15.12 32.89 11.46
N SER A 54 -14.03 33.51 11.92
CA SER A 54 -13.04 34.00 10.98
C SER A 54 -12.24 32.85 10.42
N THR A 55 -11.52 33.10 9.32
CA THR A 55 -10.73 32.04 8.69
C THR A 55 -9.68 31.51 9.65
N SER A 56 -9.24 32.35 10.58
CA SER A 56 -8.18 31.94 11.51
C SER A 56 -8.67 30.90 12.52
N GLN A 57 -9.98 30.63 12.52
CA GLN A 57 -10.56 29.62 13.40
C GLN A 57 -11.05 28.36 12.67
N MET A 58 -11.01 28.37 11.34
CA MET A 58 -11.66 27.29 10.59
C MET A 58 -10.87 25.97 10.63
N HIS A 59 -9.55 26.03 10.57
CA HIS A 59 -8.78 24.81 10.71
C HIS A 59 -8.92 24.22 12.11
N LYS A 60 -9.01 25.09 13.12
CA LYS A 60 -9.25 24.58 14.48
C LYS A 60 -10.54 23.78 14.53
N TRP A 61 -11.59 24.27 13.88
CA TRP A 61 -12.84 23.54 13.84
C TRP A 61 -12.62 22.17 13.17
N MET A 62 -11.93 22.17 12.05
CA MET A 62 -11.73 20.93 11.30
C MET A 62 -11.02 19.89 12.17
N GLY A 63 -9.98 20.34 12.88
CA GLY A 63 -9.27 19.47 13.79
C GLY A 63 -10.19 18.80 14.81
N SER A 64 -11.15 19.57 15.31
CA SER A 64 -12.06 19.04 16.31
C SER A 64 -13.09 18.10 15.70
N TRP A 65 -13.32 18.24 14.40
CA TRP A 65 -14.47 17.60 13.75
C TRP A 65 -14.18 16.27 13.04
N LEU A 66 -12.98 16.13 12.46
CA LEU A 66 -12.70 15.03 11.52
C LEU A 66 -13.04 13.63 12.05
N MET A 67 -12.70 13.37 13.30
CA MET A 67 -12.98 12.05 13.89
C MET A 67 -14.06 12.11 14.97
N SER A 68 -14.83 13.19 14.97
CA SER A 68 -15.93 13.37 15.90
C SER A 68 -16.95 12.25 15.75
N ASP A 69 -17.64 11.89 16.82
CA ASP A 69 -18.67 10.86 16.70
C ASP A 69 -19.98 11.24 17.39
N ASN A 70 -20.20 12.52 17.60
CA ASN A 70 -21.44 13.01 18.19
C ASN A 70 -22.44 13.45 17.13
N HIS A 71 -22.62 12.61 16.12
CA HIS A 71 -23.65 12.86 15.10
C HIS A 71 -24.22 11.53 14.60
N ASP A 72 -25.35 11.62 13.90
CA ASP A 72 -26.00 10.45 13.28
C ASP A 72 -25.06 9.84 12.24
N ALA A 73 -24.77 8.54 12.35
CA ALA A 73 -23.97 7.90 11.31
C ALA A 73 -24.68 6.68 10.72
N SER A 74 -26.01 6.66 10.83
CA SER A 74 -26.79 5.52 10.37
C SER A 74 -26.49 5.16 8.91
N GLN A 75 -26.37 6.17 8.06
CA GLN A 75 -26.15 5.89 6.65
C GLN A 75 -24.72 5.40 6.43
N GLY A 76 -23.79 5.92 7.23
CA GLY A 76 -22.41 5.43 7.21
C GLY A 76 -22.30 3.97 7.60
N TYR A 77 -23.05 3.58 8.62
CA TYR A 77 -23.10 2.17 9.01
C TYR A 77 -23.65 1.30 7.90
N SER A 78 -24.75 1.76 7.29
CA SER A 78 -25.42 1.00 6.23
C SER A 78 -24.52 0.89 5.00
N PHE A 79 -23.88 2.00 4.64
CA PHE A 79 -22.87 2.01 3.60
C PHE A 79 -21.80 0.96 3.84
N LEU A 80 -21.16 1.04 5.01
CA LEU A 80 -20.03 0.19 5.36
C LEU A 80 -20.45 -1.30 5.44
N HIS A 81 -21.75 -1.53 5.64
CA HIS A 81 -22.29 -2.87 5.72
C HIS A 81 -22.59 -3.44 4.34
N GLU A 82 -22.99 -2.58 3.41
CA GLU A 82 -23.24 -3.02 2.04
C GLU A 82 -21.90 -3.31 1.34
N VAL A 83 -20.91 -2.47 1.61
CA VAL A 83 -19.59 -2.64 0.99
C VAL A 83 -18.85 -3.89 1.49
N ASP A 84 -18.87 -4.09 2.81
CA ASP A 84 -18.15 -5.20 3.43
C ASP A 84 -18.83 -6.54 3.12
N LYS A 85 -20.09 -6.49 2.71
CA LYS A 85 -20.79 -7.71 2.31
C LYS A 85 -20.53 -8.04 0.83
N GLU A 86 -20.22 -7.02 0.03
CA GLU A 86 -19.87 -7.26 -1.37
C GLU A 86 -18.40 -7.63 -1.50
N ALA A 87 -17.59 -7.08 -0.59
CA ALA A 87 -16.17 -7.40 -0.54
C ALA A 87 -15.98 -8.84 -0.08
N GLU A 88 -16.85 -9.30 0.80
CA GLU A 88 -16.76 -10.68 1.29
C GLU A 88 -17.31 -11.66 0.26
N ILE A 89 -18.01 -11.16 -0.75
CA ILE A 89 -18.40 -11.99 -1.88
C ILE A 89 -17.25 -12.07 -2.87
N THR A 90 -16.54 -10.96 -3.01
CA THR A 90 -15.36 -10.90 -3.88
C THR A 90 -14.27 -11.85 -3.38
N PHE A 91 -14.01 -11.81 -2.09
CA PHE A 91 -13.01 -12.68 -1.48
C PHE A 91 -13.45 -14.14 -1.51
N ASP A 92 -14.76 -14.34 -1.57
CA ASP A 92 -15.33 -15.68 -1.71
C ASP A 92 -15.00 -16.27 -3.08
N VAL A 93 -15.00 -15.42 -4.10
CA VAL A 93 -14.63 -15.83 -5.45
C VAL A 93 -13.16 -16.20 -5.49
N VAL A 94 -12.33 -15.42 -4.81
CA VAL A 94 -10.90 -15.66 -4.77
C VAL A 94 -10.56 -17.03 -4.19
N GLU A 95 -11.08 -17.32 -3.01
CA GLU A 95 -10.72 -18.57 -2.35
C GLU A 95 -11.41 -19.78 -2.99
N THR A 96 -12.37 -19.52 -3.87
CA THR A 96 -12.94 -20.57 -4.70
C THR A 96 -11.91 -21.01 -5.73
N PHE A 97 -11.17 -20.03 -6.23
CA PHE A 97 -10.12 -20.29 -7.21
C PHE A 97 -8.90 -20.96 -6.60
N ILE A 98 -8.45 -20.46 -5.45
CA ILE A 98 -7.21 -20.95 -4.86
C ILE A 98 -7.41 -22.30 -4.16
N ARG A 99 -8.64 -22.58 -3.74
CA ARG A 99 -8.94 -23.87 -3.12
C ARG A 99 -10.05 -24.59 -3.88
N THR A 115 -13.89 -5.06 14.65
CA THR A 115 -15.19 -4.52 15.03
C THR A 115 -15.06 -3.14 15.65
N ASP A 116 -14.00 -2.97 16.43
CA ASP A 116 -13.78 -1.71 17.15
C ASP A 116 -13.48 -0.57 16.18
N SER A 117 -12.70 -0.88 15.15
CA SER A 117 -12.38 0.11 14.13
C SER A 117 -13.53 0.28 13.14
N PHE A 118 -14.47 -0.66 13.15
CA PHE A 118 -15.61 -0.63 12.25
C PHE A 118 -16.46 0.60 12.53
N LYS A 119 -16.63 0.94 13.81
CA LYS A 119 -17.37 2.13 14.21
C LYS A 119 -16.69 3.41 13.74
N ILE A 120 -15.41 3.56 14.03
CA ILE A 120 -14.68 4.76 13.61
C ILE A 120 -14.82 4.92 12.10
N LEU A 121 -14.76 3.80 11.39
CA LEU A 121 -14.92 3.79 9.93
C LEU A 121 -16.33 4.19 9.50
N ALA A 122 -17.35 3.80 10.27
CA ALA A 122 -18.72 4.16 9.93
C ALA A 122 -18.90 5.68 9.97
N TYR A 123 -18.29 6.32 10.95
CA TYR A 123 -18.40 7.77 11.08
C TYR A 123 -17.65 8.48 9.96
N LEU A 124 -16.50 7.96 9.55
CA LEU A 124 -15.78 8.51 8.40
C LEU A 124 -16.63 8.41 7.15
N CYS A 125 -17.29 7.26 6.97
CA CYS A 125 -18.13 7.05 5.80
C CYS A 125 -19.32 8.02 5.78
N GLN A 126 -19.91 8.26 6.94
CA GLN A 126 -21.00 9.24 7.01
C GLN A 126 -20.51 10.61 6.55
N LYS A 127 -19.33 10.99 7.02
CA LYS A 127 -18.81 12.31 6.69
C LYS A 127 -18.51 12.38 5.20
N PHE A 128 -17.99 11.30 4.64
CA PHE A 128 -17.77 11.25 3.19
C PHE A 128 -19.08 11.43 2.41
N LEU A 129 -20.10 10.66 2.77
CA LEU A 129 -21.39 10.77 2.10
C LEU A 129 -21.92 12.21 2.16
N ASP A 130 -21.79 12.82 3.33
CA ASP A 130 -22.28 14.20 3.54
C ASP A 130 -21.53 15.21 2.66
N LEU A 131 -20.21 15.14 2.69
CA LEU A 131 -19.35 16.05 1.93
C LEU A 131 -19.53 15.82 0.43
N HIS A 132 -19.74 14.58 0.03
CA HIS A 132 -19.94 14.28 -1.38
C HIS A 132 -21.23 14.93 -1.90
N LYS A 133 -22.31 14.80 -1.13
CA LYS A 133 -23.58 15.44 -1.51
C LYS A 133 -23.41 16.96 -1.61
N LEU A 134 -22.76 17.55 -0.61
CA LEU A 134 -22.61 19.00 -0.59
C LEU A 134 -21.80 19.48 -1.80
N THR A 135 -20.78 18.70 -2.17
CA THR A 135 -19.95 19.04 -3.32
C THR A 135 -20.74 18.98 -4.63
N LEU A 136 -21.60 17.98 -4.76
CA LEU A 136 -22.39 17.84 -5.97
C LEU A 136 -23.31 19.04 -6.13
N ILE A 137 -23.90 19.46 -5.02
CA ILE A 137 -24.82 20.59 -5.02
C ILE A 137 -24.06 21.85 -5.30
N LEU A 138 -22.89 21.98 -4.67
CA LEU A 138 -22.07 23.17 -4.82
C LEU A 138 -21.63 23.35 -6.26
N ASN A 139 -21.38 22.23 -6.94
CA ASN A 139 -20.86 22.25 -8.30
C ASN A 139 -21.93 22.06 -9.36
N ALA A 140 -23.19 22.16 -8.96
CA ALA A 140 -24.29 22.17 -9.91
C ALA A 140 -24.03 23.22 -10.98
N VAL A 141 -23.94 22.78 -12.22
CA VAL A 141 -23.58 23.64 -13.34
C VAL A 141 -24.76 24.51 -13.75
N SER A 142 -25.97 23.98 -13.60
CA SER A 142 -27.17 24.69 -14.02
C SER A 142 -28.28 24.55 -13.00
N GLU A 143 -29.30 25.39 -13.13
CA GLU A 143 -30.46 25.33 -12.25
C GLU A 143 -31.15 23.98 -12.36
N VAL A 144 -31.17 23.40 -13.56
CA VAL A 144 -31.86 22.13 -13.78
C VAL A 144 -31.16 20.97 -13.07
N GLU A 145 -29.83 20.99 -13.01
CA GLU A 145 -29.14 19.91 -12.30
C GLU A 145 -29.26 20.14 -10.80
N LEU A 146 -29.23 21.40 -10.39
CA LEU A 146 -29.40 21.76 -8.98
C LEU A 146 -30.71 21.21 -8.44
N LEU A 147 -31.79 21.36 -9.22
CA LEU A 147 -33.09 20.90 -8.77
C LEU A 147 -33.13 19.37 -8.64
N ASN A 148 -32.56 18.67 -9.61
CA ASN A 148 -32.50 17.20 -9.56
C ASN A 148 -31.72 16.71 -8.33
N LEU A 149 -30.57 17.33 -8.10
CA LEU A 149 -29.74 16.96 -6.94
C LEU A 149 -30.48 17.24 -5.63
N ALA A 150 -31.11 18.42 -5.55
CA ALA A 150 -31.86 18.80 -4.36
C ALA A 150 -33.01 17.82 -4.09
N ARG A 151 -33.69 17.39 -5.14
CA ARG A 151 -34.72 16.37 -4.98
C ARG A 151 -34.12 15.07 -4.44
N THR A 152 -33.06 14.60 -5.10
CA THR A 152 -32.39 13.36 -4.71
C THR A 152 -31.93 13.35 -3.26
N PHE A 153 -31.35 14.46 -2.80
CA PHE A 153 -30.75 14.52 -1.47
C PHE A 153 -31.64 15.21 -0.44
N LYS A 154 -32.92 15.38 -0.78
CA LYS A 154 -33.91 16.00 0.12
C LYS A 154 -33.55 17.44 0.49
N GLY A 155 -32.99 18.17 -0.46
CA GLY A 155 -32.69 19.58 -0.27
C GLY A 155 -33.83 20.43 -0.80
N LYS A 156 -33.91 21.67 -0.34
CA LYS A 156 -34.93 22.62 -0.79
C LYS A 156 -34.26 23.81 -1.45
N VAL A 157 -34.85 24.31 -2.54
CA VAL A 157 -34.29 25.45 -3.24
C VAL A 157 -35.24 26.63 -3.18
N ARG A 158 -34.70 27.83 -3.00
CA ARG A 158 -35.51 29.03 -3.04
C ARG A 158 -34.78 30.14 -3.78
N ARG A 159 -35.52 31.09 -4.32
CA ARG A 159 -34.94 32.14 -5.13
C ARG A 159 -34.32 33.25 -4.29
N SER A 160 -33.13 33.70 -4.70
CA SER A 160 -32.52 34.89 -4.14
C SER A 160 -33.00 36.11 -4.92
N SER A 161 -32.66 37.29 -4.44
CA SER A 161 -33.12 38.54 -5.03
C SER A 161 -32.42 38.87 -6.35
N HIS A 162 -31.37 38.12 -6.68
CA HIS A 162 -30.55 38.44 -7.85
C HIS A 162 -30.67 37.41 -8.96
N GLY A 163 -31.78 36.67 -8.98
CA GLY A 163 -31.98 35.65 -9.99
C GLY A 163 -31.14 34.42 -9.74
N THR A 164 -30.55 34.33 -8.55
CA THR A 164 -29.78 33.15 -8.18
C THR A 164 -30.59 32.24 -7.26
N ASN A 165 -30.04 31.07 -6.96
CA ASN A 165 -30.72 30.07 -6.16
C ASN A 165 -29.97 29.78 -4.86
N ILE A 166 -30.72 29.54 -3.79
CA ILE A 166 -30.16 29.08 -2.53
C ILE A 166 -30.69 27.70 -2.22
N CYS A 167 -29.80 26.74 -2.01
CA CYS A 167 -30.24 25.40 -1.69
C CYS A 167 -29.93 25.10 -0.23
N ARG A 168 -30.94 24.63 0.50
CA ARG A 168 -30.79 24.31 1.90
C ARG A 168 -30.93 22.80 2.09
N ILE A 169 -29.96 22.20 2.75
CA ILE A 169 -29.98 20.77 2.95
C ILE A 169 -29.41 20.44 4.31
N ARG A 170 -30.00 19.45 4.97
CA ARG A 170 -29.44 19.02 6.25
C ARG A 170 -28.60 17.77 6.04
N VAL A 171 -27.36 17.79 6.55
CA VAL A 171 -26.57 16.57 6.53
C VAL A 171 -26.16 16.22 7.95
N PRO A 172 -26.14 14.93 8.26
CA PRO A 172 -25.98 14.49 9.65
C PRO A 172 -24.72 15.01 10.35
N SER A 173 -23.57 15.06 9.69
CA SER A 173 -22.35 15.39 10.40
C SER A 173 -22.07 16.89 10.47
N LEU A 174 -22.86 17.71 9.77
CA LEU A 174 -22.55 19.14 9.69
C LEU A 174 -23.74 20.03 10.02
N GLY A 175 -24.95 19.49 9.99
CA GLY A 175 -26.12 20.29 10.30
C GLY A 175 -26.71 21.00 9.09
N PRO A 176 -27.66 21.91 9.32
CA PRO A 176 -28.32 22.65 8.22
C PRO A 176 -27.31 23.45 7.40
N THR A 177 -27.32 23.24 6.10
CA THR A 177 -26.32 23.84 5.23
C THR A 177 -26.99 24.62 4.11
N PHE A 178 -26.46 25.80 3.82
CA PHE A 178 -27.04 26.69 2.82
C PHE A 178 -26.01 26.94 1.72
N ILE A 179 -26.35 26.59 0.49
CA ILE A 179 -25.40 26.63 -0.62
C ILE A 179 -25.89 27.55 -1.74
N SER A 180 -25.00 28.44 -2.18
CA SER A 180 -25.35 29.38 -3.26
C SER A 180 -24.08 29.90 -3.94
N GLU A 181 -24.02 29.76 -5.26
CA GLU A 181 -22.95 30.31 -6.09
C GLU A 181 -21.52 30.04 -5.59
N GLY A 182 -21.24 28.77 -5.27
CA GLY A 182 -19.91 28.35 -4.88
C GLY A 182 -19.61 28.51 -3.40
N TRP A 183 -20.62 28.91 -2.63
CA TRP A 183 -20.43 29.09 -1.19
C TRP A 183 -21.30 28.14 -0.38
N ALA A 184 -20.81 27.69 0.76
CA ALA A 184 -21.60 26.89 1.68
C ALA A 184 -21.55 27.47 3.09
N TYR A 185 -22.71 27.73 3.67
CA TYR A 185 -22.75 28.26 5.02
C TYR A 185 -23.39 27.24 5.93
N PHE A 186 -22.72 26.94 7.04
CA PHE A 186 -23.18 25.93 7.97
C PHE A 186 -23.78 26.61 9.19
N LYS A 187 -25.11 26.65 9.27
CA LYS A 187 -25.80 27.46 10.28
C LYS A 187 -25.52 27.00 11.71
N LYS A 188 -25.44 25.69 11.92
CA LYS A 188 -25.18 25.16 13.26
C LYS A 188 -23.76 25.44 13.73
N LEU A 189 -22.82 25.44 12.79
CA LEU A 189 -21.40 25.62 13.11
C LEU A 189 -20.95 27.07 13.00
N ASP A 190 -21.80 27.90 12.38
CA ASP A 190 -21.45 29.27 11.99
C ASP A 190 -20.12 29.29 11.21
N ILE A 191 -20.04 28.44 10.20
CA ILE A 191 -18.91 28.42 9.30
C ILE A 191 -19.30 28.69 7.85
N LEU A 192 -18.55 29.58 7.22
CA LEU A 192 -18.68 29.89 5.79
C LEU A 192 -17.49 29.28 5.02
N MET A 193 -17.78 28.39 4.09
CA MET A 193 -16.75 27.79 3.25
C MET A 193 -16.88 28.22 1.80
N ASP A 194 -15.75 28.46 1.13
CA ASP A 194 -15.77 28.56 -0.31
C ASP A 194 -15.54 27.14 -0.85
N ARG A 195 -15.57 26.99 -2.17
CA ARG A 195 -15.41 25.68 -2.78
C ARG A 195 -14.12 24.99 -2.36
N ASN A 196 -13.01 25.72 -2.40
CA ASN A 196 -11.72 25.12 -2.08
C ASN A 196 -11.63 24.57 -0.67
N PHE A 197 -12.17 25.28 0.31
CA PHE A 197 -12.04 24.80 1.67
C PHE A 197 -12.85 23.52 1.84
N LEU A 198 -14.05 23.50 1.28
CA LEU A 198 -14.89 22.30 1.35
C LEU A 198 -14.20 21.12 0.68
N LEU A 199 -13.57 21.37 -0.46
CA LEU A 199 -12.82 20.33 -1.16
C LEU A 199 -11.63 19.84 -0.34
N MET A 200 -10.97 20.76 0.37
CA MET A 200 -9.82 20.38 1.20
C MET A 200 -10.30 19.42 2.28
N VAL A 201 -11.45 19.72 2.87
CA VAL A 201 -11.96 18.89 3.96
C VAL A 201 -12.35 17.51 3.42
N LYS A 202 -13.01 17.47 2.27
CA LYS A 202 -13.41 16.19 1.68
C LYS A 202 -12.19 15.33 1.32
N ASP A 203 -11.14 15.96 0.82
CA ASP A 203 -9.90 15.22 0.49
C ASP A 203 -9.30 14.55 1.72
N VAL A 204 -9.40 15.20 2.88
CA VAL A 204 -8.90 14.58 4.12
C VAL A 204 -9.70 13.34 4.47
N ILE A 205 -11.02 13.47 4.44
CA ILE A 205 -11.89 12.32 4.75
C ILE A 205 -11.69 11.17 3.75
N ILE A 206 -11.65 11.48 2.47
CA ILE A 206 -11.38 10.47 1.44
C ILE A 206 -10.02 9.81 1.70
N GLY A 207 -9.04 10.64 2.03
CA GLY A 207 -7.70 10.15 2.29
C GLY A 207 -7.68 9.15 3.42
N ARG A 208 -8.36 9.47 4.53
CA ARG A 208 -8.34 8.58 5.68
C ARG A 208 -9.09 7.29 5.37
N MET A 209 -10.18 7.40 4.62
CA MET A 209 -10.88 6.19 4.18
C MET A 209 -9.97 5.30 3.34
N GLN A 210 -9.23 5.94 2.44
CA GLN A 210 -8.32 5.25 1.53
C GLN A 210 -7.22 4.51 2.30
N THR A 211 -6.67 5.17 3.31
CA THR A 211 -5.60 4.55 4.06
C THR A 211 -6.14 3.32 4.79
N VAL A 212 -7.31 3.47 5.41
CA VAL A 212 -7.88 2.32 6.11
C VAL A 212 -8.18 1.20 5.10
N LEU A 213 -8.75 1.54 3.95
CA LEU A 213 -9.03 0.56 2.90
C LEU A 213 -7.75 -0.15 2.45
N SER A 214 -6.68 0.63 2.28
CA SER A 214 -5.41 0.08 1.83
C SER A 214 -4.88 -0.99 2.79
N MET A 215 -5.16 -0.81 4.08
CA MET A 215 -4.68 -1.72 5.10
C MET A 215 -5.54 -2.98 5.17
N VAL A 216 -6.77 -2.90 4.70
CA VAL A 216 -7.66 -4.07 4.67
C VAL A 216 -7.78 -4.73 3.28
N CYS A 217 -7.50 -4.00 2.21
CA CYS A 217 -7.60 -4.55 0.85
C CYS A 217 -6.29 -5.26 0.48
N ARG A 218 -5.84 -6.15 1.37
CA ARG A 218 -4.59 -6.87 1.13
C ARG A 218 -4.86 -8.33 0.79
N ILE A 219 -3.90 -8.97 0.15
CA ILE A 219 -4.01 -10.40 -0.12
C ILE A 219 -2.99 -11.14 0.72
N ASP A 220 -2.22 -10.41 1.52
CA ASP A 220 -1.15 -11.02 2.30
C ASP A 220 -1.36 -10.91 3.82
N ASN A 221 -2.52 -10.39 4.25
CA ASN A 221 -2.86 -10.32 5.67
C ASN A 221 -1.84 -9.58 6.53
N LEU A 222 -1.22 -8.55 5.97
CA LEU A 222 -0.05 -7.95 6.60
C LEU A 222 -0.39 -7.18 7.88
N PHE A 223 -1.56 -6.54 7.92
CA PHE A 223 -1.90 -5.67 9.05
C PHE A 223 -2.97 -6.26 9.97
N SER A 224 -2.80 -6.02 11.27
CA SER A 224 -3.79 -6.41 12.28
C SER A 224 -4.65 -5.20 12.62
N GLU A 225 -5.71 -5.41 13.40
CA GLU A 225 -6.56 -4.28 13.79
C GLU A 225 -5.77 -3.36 14.70
N GLN A 226 -4.85 -3.94 15.46
CA GLN A 226 -3.92 -3.17 16.28
C GLN A 226 -3.16 -2.16 15.40
N ASP A 227 -2.74 -2.60 14.22
CA ASP A 227 -2.02 -1.72 13.29
C ASP A 227 -2.94 -0.62 12.79
N ILE A 228 -4.19 -0.95 12.51
CA ILE A 228 -5.15 0.05 12.05
C ILE A 228 -5.33 1.09 13.16
N PHE A 229 -5.46 0.64 14.40
CA PHE A 229 -5.61 1.58 15.52
C PHE A 229 -4.37 2.42 15.76
N SER A 230 -3.19 1.87 15.51
CA SER A 230 -1.97 2.67 15.57
C SER A 230 -2.09 3.87 14.63
N LEU A 231 -2.58 3.62 13.41
CA LEU A 231 -2.75 4.70 12.45
C LEU A 231 -3.82 5.70 12.90
N LEU A 232 -4.95 5.19 13.37
CA LEU A 232 -6.04 6.06 13.82
C LEU A 232 -5.59 6.93 15.01
N ASN A 233 -4.76 6.36 15.89
CA ASN A 233 -4.22 7.09 17.03
C ASN A 233 -3.32 8.24 16.56
N ILE A 234 -2.55 7.97 15.51
CA ILE A 234 -1.70 9.02 14.93
C ILE A 234 -2.56 10.13 14.32
N TYR A 235 -3.63 9.77 13.60
CA TYR A 235 -4.58 10.78 13.12
C TYR A 235 -5.06 11.64 14.28
N ARG A 236 -5.45 10.96 15.36
CA ARG A 236 -6.05 11.65 16.52
C ARG A 236 -5.07 12.65 17.15
N ILE A 237 -3.81 12.23 17.31
CA ILE A 237 -2.79 13.09 17.88
C ILE A 237 -2.60 14.33 17.02
N GLY A 238 -2.44 14.13 15.71
CA GLY A 238 -2.28 15.25 14.81
C GLY A 238 -3.48 16.18 14.78
N ASP A 239 -4.69 15.62 14.84
CA ASP A 239 -5.91 16.45 14.87
C ASP A 239 -5.93 17.41 16.08
N LYS A 240 -5.40 16.96 17.22
CA LYS A 240 -5.36 17.82 18.40
C LYS A 240 -4.41 19.00 18.16
N ILE A 241 -3.32 18.74 17.44
CA ILE A 241 -2.42 19.84 17.10
C ILE A 241 -3.15 20.86 16.23
N VAL A 242 -3.91 20.36 15.26
CA VAL A 242 -4.69 21.25 14.37
C VAL A 242 -5.75 22.00 15.18
N GLU A 243 -6.45 21.29 16.07
CA GLU A 243 -7.46 21.94 16.92
C GLU A 243 -6.89 23.08 17.78
N ARG A 244 -5.69 22.87 18.31
CA ARG A 244 -5.04 23.87 19.17
C ARG A 244 -4.31 24.98 18.40
N GLN A 245 -3.62 24.65 17.31
CA GLN A 245 -2.79 25.65 16.61
C GLN A 245 -3.37 26.20 15.30
N GLY A 246 -4.47 25.62 14.83
CA GLY A 246 -5.14 26.20 13.66
C GLY A 246 -4.25 26.20 12.43
N ASN A 247 -4.24 27.30 11.70
CA ASN A 247 -3.48 27.36 10.45
C ASN A 247 -1.98 27.20 10.70
N PHE A 248 -1.55 27.44 11.93
CA PHE A 248 -0.13 27.34 12.27
C PHE A 248 0.31 25.91 12.56
N SER A 249 -0.66 25.00 12.65
CA SER A 249 -0.38 23.59 12.99
C SER A 249 0.47 22.93 11.92
N TYR A 250 0.37 23.43 10.69
CA TYR A 250 0.99 22.71 9.58
C TYR A 250 2.51 22.83 9.59
N ASP A 251 3.05 23.83 10.29
CA ASP A 251 4.50 23.88 10.52
C ASP A 251 4.97 22.63 11.23
N LEU A 252 4.12 22.11 12.10
CA LEU A 252 4.47 20.91 12.87
C LEU A 252 4.06 19.65 12.12
N ILE A 253 2.87 19.67 11.53
CA ILE A 253 2.38 18.51 10.77
C ILE A 253 3.34 18.15 9.63
N LYS A 254 3.95 19.17 9.02
CA LYS A 254 4.90 18.95 7.92
C LYS A 254 6.06 18.06 8.37
N MET A 255 6.31 17.98 9.67
CA MET A 255 7.47 17.20 10.14
C MET A 255 7.24 15.70 10.05
N VAL A 256 6.00 15.29 9.80
CA VAL A 256 5.71 13.86 9.68
C VAL A 256 6.58 13.23 8.59
N GLU A 257 6.78 13.92 7.47
CA GLU A 257 7.62 13.36 6.41
C GLU A 257 9.07 13.07 6.87
N PRO A 258 9.81 14.09 7.37
CA PRO A 258 11.19 13.75 7.78
C PRO A 258 11.29 12.83 8.99
N ILE A 259 10.31 12.86 9.90
CA ILE A 259 10.30 11.89 10.99
C ILE A 259 10.19 10.47 10.42
N CYS A 260 9.28 10.29 9.47
CA CYS A 260 9.05 8.96 8.90
C CYS A 260 10.27 8.48 8.11
N ASN A 261 10.94 9.39 7.42
CA ASN A 261 12.12 8.98 6.66
C ASN A 261 13.23 8.58 7.61
N LEU A 262 13.37 9.28 8.74
CA LEU A 262 14.35 8.88 9.76
C LEU A 262 14.00 7.50 10.32
N LYS A 263 12.72 7.29 10.62
CA LYS A 263 12.26 5.98 11.10
C LYS A 263 12.60 4.88 10.10
N LEU A 264 12.45 5.16 8.81
CA LEU A 264 12.80 4.15 7.81
C LEU A 264 14.29 3.82 7.86
N MET A 265 15.12 4.83 8.09
CA MET A 265 16.55 4.61 8.20
C MET A 265 16.90 3.79 9.43
N LYS A 266 16.21 4.06 10.54
CA LYS A 266 16.44 3.30 11.78
C LYS A 266 16.02 1.84 11.62
N LEU A 267 14.90 1.61 10.93
CA LEU A 267 14.45 0.25 10.66
C LEU A 267 15.45 -0.47 9.76
N ALA A 268 15.95 0.23 8.74
CA ALA A 268 16.94 -0.36 7.85
C ALA A 268 18.17 -0.79 8.63
N ARG A 269 18.59 0.05 9.57
CA ARG A 269 19.81 -0.22 10.34
C ARG A 269 19.59 -1.35 11.37
N GLU A 270 18.33 -1.63 11.69
CA GLU A 270 18.02 -2.78 12.53
C GLU A 270 18.33 -4.10 11.82
N SER A 271 18.12 -4.16 10.51
CA SER A 271 18.38 -5.39 9.75
C SER A 271 19.80 -5.42 9.18
N ARG A 272 20.32 -4.27 8.79
CA ARG A 272 21.71 -4.14 8.32
C ARG A 272 22.48 -3.20 9.25
N PRO A 273 22.99 -3.74 10.37
CA PRO A 273 23.55 -2.93 11.46
C PRO A 273 24.82 -2.14 11.10
N LEU A 274 25.44 -2.44 9.97
CA LEU A 274 26.69 -1.78 9.62
C LEU A 274 26.53 -0.58 8.65
N VAL A 275 25.29 -0.22 8.31
CA VAL A 275 25.06 1.03 7.57
C VAL A 275 25.36 2.21 8.50
N PRO A 276 26.19 3.17 8.04
CA PRO A 276 26.65 4.25 8.93
C PRO A 276 25.53 5.11 9.50
N GLN A 277 25.74 5.65 10.69
CA GLN A 277 24.83 6.64 11.26
C GLN A 277 24.92 7.93 10.45
N PHE A 278 23.84 8.71 10.45
CA PHE A 278 23.85 10.00 9.79
C PHE A 278 23.47 11.06 10.80
N PRO A 279 24.42 11.41 11.66
CA PRO A 279 24.18 12.22 12.87
C PRO A 279 23.60 13.58 12.57
N HIS A 280 23.83 14.12 11.38
CA HIS A 280 23.36 15.46 11.07
C HIS A 280 21.88 15.45 10.69
N PHE A 281 21.42 14.46 9.93
CA PHE A 281 20.00 14.37 9.62
C PHE A 281 19.22 13.97 10.87
N GLU A 282 19.80 13.08 11.68
CA GLU A 282 19.14 12.65 12.90
C GLU A 282 19.04 13.81 13.90
N ASN A 283 20.12 14.58 14.02
CA ASN A 283 20.12 15.71 14.96
C ASN A 283 19.19 16.84 14.49
N HIS A 284 19.09 17.02 13.18
CA HIS A 284 18.14 17.99 12.64
C HIS A 284 16.70 17.65 13.05
N ILE A 285 16.33 16.39 12.90
CA ILE A 285 15.02 15.91 13.38
C ILE A 285 14.82 16.15 14.86
N LYS A 286 15.81 15.78 15.66
CA LYS A 286 15.73 15.95 17.11
C LYS A 286 15.51 17.40 17.50
N THR A 287 16.33 18.29 16.97
CA THR A 287 16.19 19.71 17.33
C THR A 287 14.87 20.27 16.79
N SER A 288 14.46 19.84 15.59
CA SER A 288 13.21 20.29 14.98
C SER A 288 12.00 19.92 15.83
N VAL A 289 11.99 18.69 16.31
CA VAL A 289 10.87 18.23 17.14
C VAL A 289 10.94 18.83 18.54
N ASP A 290 12.15 18.94 19.09
CA ASP A 290 12.35 19.56 20.41
C ASP A 290 11.79 20.99 20.43
N GLU A 291 12.15 21.78 19.42
CA GLU A 291 11.64 23.15 19.32
C GLU A 291 10.15 23.19 19.04
N GLY A 292 9.66 22.29 18.19
CA GLY A 292 8.24 22.28 17.85
C GLY A 292 7.39 21.90 19.05
N ALA A 293 7.93 21.04 19.90
CA ALA A 293 7.19 20.57 21.08
C ALA A 293 6.99 21.68 22.11
N LYS A 294 7.80 22.74 22.04
CA LYS A 294 7.57 23.92 22.88
C LYS A 294 6.33 24.68 22.43
N ILE A 295 5.98 24.54 21.15
CA ILE A 295 4.78 25.16 20.61
C ILE A 295 3.57 24.28 20.89
N ASP A 296 3.69 23.01 20.57
CA ASP A 296 2.62 22.05 20.81
C ASP A 296 3.24 20.70 21.09
N ARG A 297 3.00 20.17 22.29
CA ARG A 297 3.59 18.92 22.70
C ARG A 297 3.12 17.75 21.83
N GLY A 298 2.03 17.95 21.12
CA GLY A 298 1.56 16.95 20.18
C GLY A 298 2.61 16.46 19.18
N ILE A 299 3.54 17.32 18.78
CA ILE A 299 4.53 16.85 17.79
C ILE A 299 5.53 15.89 18.44
N ARG A 300 5.77 16.04 19.75
CA ARG A 300 6.54 15.03 20.48
C ARG A 300 5.80 13.69 20.48
N PHE A 301 4.49 13.74 20.74
CA PHE A 301 3.67 12.52 20.73
C PHE A 301 3.72 11.87 19.35
N LEU A 302 3.57 12.67 18.29
CA LEU A 302 3.60 12.13 16.93
C LEU A 302 4.94 11.50 16.60
N HIS A 303 6.02 12.20 16.92
CA HIS A 303 7.35 11.69 16.70
C HIS A 303 7.52 10.35 17.41
N ASP A 304 7.16 10.30 18.68
CA ASP A 304 7.37 9.11 19.49
C ASP A 304 6.50 7.94 19.01
N GLN A 305 5.26 8.21 18.59
CA GLN A 305 4.43 7.15 18.05
C GLN A 305 5.01 6.58 16.75
N ILE A 306 5.47 7.45 15.85
CA ILE A 306 6.07 6.96 14.60
C ILE A 306 7.31 6.14 14.93
N MET A 307 8.11 6.62 15.86
CA MET A 307 9.36 5.91 16.21
C MET A 307 9.09 4.53 16.86
N SER A 308 7.90 4.34 17.42
CA SER A 308 7.53 3.06 18.04
C SER A 308 7.04 2.01 17.03
N VAL A 309 6.81 2.42 15.79
CA VAL A 309 6.30 1.51 14.75
C VAL A 309 7.29 0.38 14.46
N LYS A 310 6.80 -0.83 14.28
CA LYS A 310 7.70 -1.98 14.24
C LYS A 310 8.16 -2.39 12.83
N THR A 311 7.43 -1.96 11.81
CA THR A 311 7.73 -2.42 10.46
C THR A 311 7.92 -1.27 9.47
N VAL A 312 8.70 -1.52 8.43
CA VAL A 312 8.78 -0.61 7.30
C VAL A 312 7.38 -0.42 6.69
N ASP A 313 6.62 -1.51 6.62
CA ASP A 313 5.33 -1.47 5.93
C ASP A 313 4.33 -0.51 6.57
N LEU A 314 4.23 -0.56 7.89
CA LEU A 314 3.32 0.36 8.58
C LEU A 314 3.88 1.77 8.52
N THR A 315 5.21 1.93 8.59
CA THR A 315 5.79 3.26 8.52
C THR A 315 5.45 3.90 7.18
N LEU A 316 5.46 3.12 6.11
CA LEU A 316 5.15 3.66 4.79
C LEU A 316 3.69 4.06 4.69
N VAL A 317 2.82 3.34 5.40
CA VAL A 317 1.40 3.71 5.41
C VAL A 317 1.23 5.08 6.05
N ILE A 318 1.96 5.30 7.14
CA ILE A 318 1.90 6.58 7.83
C ILE A 318 2.48 7.68 6.96
N TYR A 319 3.62 7.39 6.36
CA TYR A 319 4.24 8.31 5.44
C TYR A 319 3.25 8.70 4.33
N GLY A 320 2.58 7.71 3.76
CA GLY A 320 1.66 7.94 2.66
C GLY A 320 0.44 8.72 3.08
N SER A 321 0.25 8.86 4.39
CA SER A 321 -0.88 9.62 4.93
C SER A 321 -0.48 11.04 5.34
N PHE A 322 0.65 11.53 4.85
CA PHE A 322 1.19 12.80 5.37
C PHE A 322 0.31 14.01 5.04
N ARG A 323 -0.53 13.89 4.00
CA ARG A 323 -1.47 14.96 3.68
C ARG A 323 -2.80 14.86 4.41
N HIS A 324 -2.94 13.88 5.30
CA HIS A 324 -4.26 13.56 5.84
C HIS A 324 -4.66 14.36 7.07
N TRP A 325 -3.98 15.49 7.31
CA TRP A 325 -4.50 16.50 8.23
C TRP A 325 -4.91 17.76 7.49
N GLY A 326 -4.82 17.70 6.16
CA GLY A 326 -5.22 18.81 5.30
C GLY A 326 -4.07 19.72 4.94
N HIS A 327 -4.42 20.95 4.57
CA HIS A 327 -3.46 21.92 4.06
C HIS A 327 -3.79 23.30 4.64
N PRO A 328 -2.76 24.12 4.87
CA PRO A 328 -3.00 25.46 5.41
C PRO A 328 -3.46 26.47 4.37
N PHE A 329 -4.03 27.59 4.82
CA PHE A 329 -4.16 28.75 3.94
C PHE A 329 -2.75 29.23 3.62
N ILE A 330 -2.52 29.57 2.35
CA ILE A 330 -1.18 29.98 1.92
C ILE A 330 -1.14 31.47 1.59
N SER B 10 12.71 -19.76 9.22
CA SER B 10 13.83 -20.59 8.80
C SER B 10 14.62 -19.89 7.69
N PRO B 11 15.93 -19.70 7.90
CA PRO B 11 16.76 -19.00 6.92
C PRO B 11 16.99 -19.81 5.64
N LEU B 12 17.18 -19.11 4.54
CA LEU B 12 17.34 -19.72 3.23
C LEU B 12 18.78 -20.17 3.02
N ILE B 13 19.13 -21.33 3.58
CA ILE B 13 20.51 -21.79 3.40
C ILE B 13 20.57 -22.61 2.12
N SER B 14 21.73 -22.55 1.45
CA SER B 14 21.89 -23.27 0.20
C SER B 14 22.32 -24.72 0.39
N ASP B 15 22.86 -25.01 1.57
CA ASP B 15 23.54 -26.28 1.79
C ASP B 15 22.64 -27.51 1.68
N ASP B 16 21.37 -27.40 2.06
CA ASP B 16 20.49 -28.56 1.98
C ASP B 16 20.30 -28.98 0.54
N ILE B 17 19.91 -28.03 -0.32
CA ILE B 17 19.73 -28.35 -1.73
C ILE B 17 21.05 -28.84 -2.33
N ASP B 18 22.13 -28.09 -2.10
CA ASP B 18 23.37 -28.47 -2.78
C ASP B 18 23.92 -29.82 -2.33
N ASN B 19 23.79 -30.14 -1.04
CA ASN B 19 24.31 -31.42 -0.56
C ASN B 19 23.41 -32.58 -0.99
N LEU B 20 22.10 -32.34 -1.09
CA LEU B 20 21.22 -33.38 -1.63
C LEU B 20 21.61 -33.66 -3.09
N ILE B 21 21.84 -32.60 -3.86
CA ILE B 21 22.26 -32.80 -5.25
C ILE B 21 23.60 -33.56 -5.31
N ARG B 22 24.53 -33.20 -4.43
CA ARG B 22 25.82 -33.89 -4.44
C ARG B 22 25.63 -35.37 -4.13
N LYS B 23 24.83 -35.69 -3.12
CA LYS B 23 24.63 -37.11 -2.75
C LYS B 23 23.91 -37.85 -3.87
N PHE B 24 22.97 -37.19 -4.52
CA PHE B 24 22.28 -37.77 -5.65
C PHE B 24 23.26 -38.11 -6.77
N ASN B 25 24.30 -37.28 -6.91
CA ASN B 25 25.36 -37.49 -7.90
C ASN B 25 26.55 -38.31 -7.38
N SER B 26 26.35 -38.99 -6.25
CA SER B 26 27.36 -39.87 -5.68
C SER B 26 28.65 -39.13 -5.32
N LEU B 27 28.50 -37.89 -4.87
CA LEU B 27 29.63 -37.07 -4.42
C LEU B 27 29.59 -36.92 -2.91
N PRO B 28 30.76 -36.87 -2.26
CA PRO B 28 30.82 -36.82 -0.79
C PRO B 28 30.27 -35.52 -0.20
N ILE B 29 29.53 -35.63 0.89
CA ILE B 29 29.00 -34.47 1.60
C ILE B 29 29.31 -34.62 3.09
N PRO B 30 29.26 -33.52 3.84
CA PRO B 30 29.65 -33.63 5.25
C PRO B 30 28.67 -34.50 6.03
N SER B 31 29.15 -35.06 7.14
CA SER B 31 28.40 -35.99 7.97
C SER B 31 27.01 -35.51 8.38
N MET B 32 26.88 -34.23 8.71
CA MET B 32 25.59 -33.68 9.15
C MET B 32 24.49 -33.84 8.12
N TRP B 33 24.80 -33.67 6.84
CA TRP B 33 23.80 -33.81 5.80
C TRP B 33 23.68 -35.26 5.35
N ASP B 34 24.79 -35.99 5.43
CA ASP B 34 24.79 -37.40 5.03
C ASP B 34 23.88 -38.24 5.91
N SER B 35 23.68 -37.81 7.16
CA SER B 35 22.85 -38.55 8.09
C SER B 35 21.38 -38.12 8.06
N LYS B 36 21.04 -37.10 7.27
CA LYS B 36 19.65 -36.72 7.09
C LYS B 36 18.90 -37.86 6.39
N ASN B 37 17.64 -38.07 6.72
CA ASN B 37 16.88 -39.13 6.05
C ASN B 37 16.36 -38.62 4.71
N TRP B 38 17.21 -38.80 3.70
CA TRP B 38 16.92 -38.28 2.37
C TRP B 38 16.62 -39.43 1.41
N ASP B 39 16.49 -40.65 1.94
CA ASP B 39 16.31 -41.83 1.08
C ASP B 39 15.08 -41.74 0.17
N GLY B 40 13.95 -41.31 0.74
CA GLY B 40 12.73 -41.20 -0.03
C GLY B 40 12.88 -40.18 -1.14
N VAL B 41 13.43 -39.02 -0.81
CA VAL B 41 13.57 -37.96 -1.80
C VAL B 41 14.60 -38.35 -2.88
N LEU B 42 15.66 -39.04 -2.48
CA LEU B 42 16.62 -39.57 -3.47
C LEU B 42 15.97 -40.60 -4.41
N GLU B 43 15.07 -41.43 -3.88
CA GLU B 43 14.35 -42.37 -4.70
C GLU B 43 13.44 -41.62 -5.70
N MET B 44 12.80 -40.55 -5.23
CA MET B 44 11.96 -39.74 -6.10
C MET B 44 12.77 -39.17 -7.27
N LEU B 45 13.93 -38.59 -6.97
CA LEU B 45 14.78 -38.01 -8.01
C LEU B 45 15.28 -39.06 -8.98
N THR B 46 15.63 -40.21 -8.44
CA THR B 46 16.01 -41.34 -9.30
C THR B 46 14.87 -41.76 -10.23
N SER B 47 13.66 -41.87 -9.68
CA SER B 47 12.50 -42.28 -10.47
C SER B 47 12.17 -41.30 -11.59
N CYS B 48 12.33 -40.00 -11.34
CA CYS B 48 11.96 -39.07 -12.39
C CYS B 48 13.19 -38.71 -13.26
N GLN B 49 14.28 -39.44 -13.05
CA GLN B 49 15.49 -39.31 -13.88
C GLN B 49 16.00 -37.87 -13.82
N ALA B 50 16.06 -37.35 -12.60
CA ALA B 50 16.39 -35.96 -12.37
C ALA B 50 17.86 -35.61 -12.68
N ASN B 51 18.11 -34.32 -12.85
CA ASN B 51 19.47 -33.77 -12.97
C ASN B 51 19.48 -32.29 -12.53
N PRO B 52 19.28 -32.03 -11.23
CA PRO B 52 19.06 -30.65 -10.75
C PRO B 52 20.27 -29.74 -10.91
N ILE B 53 19.99 -28.48 -11.20
CA ILE B 53 21.06 -27.49 -11.32
C ILE B 53 21.46 -27.05 -9.91
N SER B 54 22.67 -26.51 -9.76
CA SER B 54 23.15 -26.11 -8.44
C SER B 54 22.44 -24.83 -7.95
N THR B 55 22.49 -24.58 -6.65
CA THR B 55 21.83 -23.38 -6.10
C THR B 55 22.37 -22.10 -6.70
N SER B 56 23.63 -22.13 -7.12
CA SER B 56 24.26 -20.96 -7.72
C SER B 56 23.53 -20.50 -9.00
N GLN B 57 22.71 -21.37 -9.57
CA GLN B 57 21.99 -21.06 -10.80
C GLN B 57 20.52 -20.74 -10.56
N MET B 58 20.05 -20.92 -9.32
CA MET B 58 18.60 -20.89 -9.09
C MET B 58 18.01 -19.48 -9.07
N HIS B 59 18.70 -18.50 -8.49
CA HIS B 59 18.15 -17.15 -8.55
C HIS B 59 18.20 -16.61 -9.98
N LYS B 60 19.24 -16.99 -10.72
CA LYS B 60 19.33 -16.59 -12.12
C LYS B 60 18.07 -17.02 -12.88
N TRP B 61 17.66 -18.26 -12.64
CA TRP B 61 16.42 -18.76 -13.23
C TRP B 61 15.24 -17.90 -12.81
N MET B 62 15.12 -17.64 -11.51
CA MET B 62 14.00 -16.85 -10.99
C MET B 62 13.91 -15.48 -11.64
N GLY B 63 15.06 -14.82 -11.80
CA GLY B 63 15.08 -13.49 -12.41
C GLY B 63 14.49 -13.46 -13.81
N SER B 64 14.72 -14.54 -14.57
CA SER B 64 14.19 -14.61 -15.92
C SER B 64 12.72 -15.08 -15.93
N TRP B 65 12.29 -15.71 -14.85
CA TRP B 65 10.97 -16.36 -14.81
C TRP B 65 9.85 -15.47 -14.28
N LEU B 66 10.17 -14.62 -13.30
CA LEU B 66 9.12 -13.93 -12.53
C LEU B 66 8.07 -13.23 -13.40
N MET B 67 8.53 -12.53 -14.44
CA MET B 67 7.60 -11.81 -15.31
C MET B 67 7.53 -12.42 -16.71
N SER B 68 7.95 -13.67 -16.82
CA SER B 68 7.86 -14.41 -18.10
C SER B 68 6.40 -14.59 -18.54
N ASP B 69 6.19 -14.69 -19.84
CA ASP B 69 4.84 -14.91 -20.34
C ASP B 69 4.80 -15.99 -21.42
N ASN B 70 5.79 -16.87 -21.41
CA ASN B 70 5.79 -18.00 -22.34
C ASN B 70 5.27 -19.25 -21.64
N HIS B 71 4.11 -19.12 -21.01
CA HIS B 71 3.42 -20.27 -20.44
C HIS B 71 1.92 -20.02 -20.52
N ASP B 72 1.14 -21.06 -20.31
CA ASP B 72 -0.32 -20.97 -20.30
C ASP B 72 -0.76 -20.11 -19.13
N ALA B 73 -1.64 -19.13 -19.37
CA ALA B 73 -2.15 -18.31 -18.27
C ALA B 73 -3.67 -18.23 -18.30
N SER B 74 -4.30 -19.25 -18.88
CA SER B 74 -5.76 -19.24 -19.07
C SER B 74 -6.49 -19.11 -17.73
N GLN B 75 -6.04 -19.89 -16.74
CA GLN B 75 -6.61 -19.78 -15.38
C GLN B 75 -6.38 -18.39 -14.77
N GLY B 76 -5.21 -17.82 -15.02
CA GLY B 76 -4.89 -16.47 -14.56
C GLY B 76 -5.87 -15.45 -15.11
N TYR B 77 -6.13 -15.52 -16.42
CA TYR B 77 -7.10 -14.64 -17.08
C TYR B 77 -8.49 -14.84 -16.48
N SER B 78 -8.88 -16.09 -16.32
CA SER B 78 -10.19 -16.41 -15.76
C SER B 78 -10.36 -15.85 -14.35
N PHE B 79 -9.36 -16.09 -13.52
CA PHE B 79 -9.33 -15.58 -12.13
C PHE B 79 -9.50 -14.06 -12.11
N LEU B 80 -8.68 -13.38 -12.91
CA LEU B 80 -8.73 -11.93 -12.98
C LEU B 80 -10.10 -11.41 -13.40
N HIS B 81 -10.69 -12.04 -14.40
CA HIS B 81 -11.98 -11.57 -14.89
C HIS B 81 -13.07 -11.77 -13.84
N GLU B 82 -13.02 -12.90 -13.14
CA GLU B 82 -14.01 -13.19 -12.11
C GLU B 82 -13.85 -12.24 -10.93
N VAL B 83 -12.61 -11.87 -10.62
CA VAL B 83 -12.38 -10.90 -9.56
C VAL B 83 -12.73 -9.49 -10.02
N ASP B 84 -12.34 -9.14 -11.24
CA ASP B 84 -12.62 -7.83 -11.80
C ASP B 84 -14.12 -7.57 -11.91
N LYS B 85 -14.89 -8.63 -12.19
CA LYS B 85 -16.33 -8.49 -12.28
C LYS B 85 -16.96 -8.24 -10.92
N GLU B 86 -16.52 -9.01 -9.92
CA GLU B 86 -17.06 -8.90 -8.57
C GLU B 86 -16.64 -7.59 -7.89
N ALA B 87 -15.50 -7.04 -8.31
CA ALA B 87 -15.05 -5.76 -7.78
C ALA B 87 -15.86 -4.61 -8.38
N GLU B 88 -16.31 -4.79 -9.62
CA GLU B 88 -17.10 -3.77 -10.29
C GLU B 88 -18.52 -3.67 -9.75
N ILE B 89 -19.13 -4.80 -9.40
CA ILE B 89 -20.45 -4.78 -8.81
C ILE B 89 -20.36 -4.13 -7.43
N THR B 90 -19.25 -4.36 -6.74
CA THR B 90 -18.98 -3.67 -5.47
C THR B 90 -18.94 -2.16 -5.67
N PHE B 91 -18.21 -1.71 -6.68
CA PHE B 91 -18.06 -0.28 -6.93
C PHE B 91 -19.32 0.31 -7.57
N ASP B 92 -20.23 -0.56 -7.99
CA ASP B 92 -21.53 -0.13 -8.48
C ASP B 92 -22.49 0.11 -7.32
N VAL B 93 -22.29 -0.64 -6.23
CA VAL B 93 -23.07 -0.46 -5.02
C VAL B 93 -22.72 0.88 -4.38
N VAL B 94 -21.43 1.22 -4.41
CA VAL B 94 -20.97 2.50 -3.88
C VAL B 94 -21.59 3.67 -4.65
N GLU B 95 -21.61 3.54 -5.97
CA GLU B 95 -22.21 4.58 -6.82
C GLU B 95 -23.70 4.73 -6.56
N THR B 96 -24.38 3.62 -6.31
CA THR B 96 -25.81 3.63 -6.03
C THR B 96 -26.08 4.26 -4.65
N PHE B 97 -25.05 4.24 -3.80
CA PHE B 97 -25.15 4.78 -2.45
C PHE B 97 -24.77 6.25 -2.42
N ILE B 98 -24.27 6.73 -3.56
CA ILE B 98 -23.66 8.04 -3.66
C ILE B 98 -24.47 8.93 -4.60
N ARG B 99 -25.16 8.28 -5.55
CA ARG B 99 -26.01 8.94 -6.54
C ARG B 99 -25.21 9.87 -7.47
N GLY B 100 -24.08 9.38 -7.94
CA GLY B 100 -23.26 10.13 -8.88
C GLY B 100 -21.91 10.52 -8.31
N THR B 115 -5.74 -2.25 -20.26
CA THR B 115 -5.70 -3.59 -20.81
C THR B 115 -4.29 -4.17 -20.74
N ASP B 116 -3.29 -3.31 -20.85
CA ASP B 116 -1.90 -3.75 -20.79
C ASP B 116 -1.57 -4.29 -19.40
N SER B 117 -1.95 -3.54 -18.37
CA SER B 117 -1.71 -3.97 -17.00
C SER B 117 -2.44 -5.28 -16.72
N PHE B 118 -3.63 -5.41 -17.31
CA PHE B 118 -4.46 -6.58 -17.12
C PHE B 118 -3.73 -7.87 -17.53
N LYS B 119 -3.08 -7.84 -18.69
CA LYS B 119 -2.36 -9.01 -19.16
C LYS B 119 -1.20 -9.39 -18.24
N ILE B 120 -0.44 -8.39 -17.83
CA ILE B 120 0.68 -8.65 -16.93
C ILE B 120 0.15 -9.18 -15.60
N LEU B 121 -0.97 -8.64 -15.13
CA LEU B 121 -1.62 -9.20 -13.94
C LEU B 121 -2.06 -10.65 -14.13
N ALA B 122 -2.52 -10.99 -15.33
CA ALA B 122 -3.02 -12.34 -15.59
C ALA B 122 -1.89 -13.36 -15.42
N TYR B 123 -0.70 -13.03 -15.90
CA TYR B 123 0.41 -13.97 -15.82
C TYR B 123 0.92 -14.07 -14.38
N LEU B 124 0.92 -12.95 -13.65
CA LEU B 124 1.24 -12.99 -12.22
C LEU B 124 0.23 -13.84 -11.48
N CYS B 125 -1.05 -13.64 -11.77
CA CYS B 125 -2.10 -14.44 -11.11
C CYS B 125 -1.92 -15.93 -11.41
N GLN B 126 -1.56 -16.27 -12.64
CA GLN B 126 -1.35 -17.69 -12.95
C GLN B 126 -0.23 -18.27 -12.07
N LYS B 127 0.86 -17.53 -11.96
CA LYS B 127 1.99 -17.99 -11.13
C LYS B 127 1.56 -18.12 -9.67
N PHE B 128 0.74 -17.18 -9.22
CA PHE B 128 0.25 -17.26 -7.84
C PHE B 128 -0.56 -18.53 -7.61
N LEU B 129 -1.54 -18.76 -8.48
CA LEU B 129 -2.37 -19.96 -8.37
C LEU B 129 -1.52 -21.23 -8.34
N ASP B 130 -0.54 -21.28 -9.24
CA ASP B 130 0.37 -22.40 -9.33
C ASP B 130 1.17 -22.62 -8.03
N LEU B 131 1.82 -21.57 -7.53
CA LEU B 131 2.64 -21.67 -6.32
C LEU B 131 1.78 -21.98 -5.09
N HIS B 132 0.56 -21.46 -5.09
CA HIS B 132 -0.36 -21.74 -3.99
C HIS B 132 -0.72 -23.22 -3.94
N LYS B 133 -1.03 -23.80 -5.09
CA LYS B 133 -1.34 -25.22 -5.16
C LYS B 133 -0.16 -26.07 -4.72
N LEU B 134 1.03 -25.73 -5.19
CA LEU B 134 2.23 -26.47 -4.84
C LEU B 134 2.51 -26.38 -3.34
N THR B 135 2.28 -25.22 -2.74
CA THR B 135 2.59 -25.08 -1.32
C THR B 135 1.59 -25.86 -0.46
N LEU B 136 0.32 -25.92 -0.87
CA LEU B 136 -0.66 -26.75 -0.15
C LEU B 136 -0.25 -28.21 -0.19
N ILE B 137 0.21 -28.66 -1.35
CA ILE B 137 0.63 -30.06 -1.50
C ILE B 137 1.89 -30.30 -0.66
N LEU B 138 2.82 -29.36 -0.74
CA LEU B 138 4.08 -29.46 0.01
C LEU B 138 3.83 -29.55 1.52
N ASN B 139 2.81 -28.85 2.00
CA ASN B 139 2.56 -28.77 3.43
C ASN B 139 1.48 -29.73 3.92
N ALA B 140 1.06 -30.65 3.06
CA ALA B 140 0.07 -31.65 3.48
C ALA B 140 0.59 -32.45 4.70
N VAL B 141 -0.24 -32.54 5.74
CA VAL B 141 0.23 -33.11 7.01
C VAL B 141 0.07 -34.62 7.08
N SER B 142 -0.69 -35.19 6.15
CA SER B 142 -0.96 -36.62 6.14
C SER B 142 -1.22 -37.13 4.73
N GLU B 143 -1.11 -38.44 4.55
CA GLU B 143 -1.43 -39.05 3.26
C GLU B 143 -2.89 -38.80 2.88
N VAL B 144 -3.78 -38.89 3.87
CA VAL B 144 -5.19 -38.62 3.65
C VAL B 144 -5.41 -37.22 3.07
N GLU B 145 -4.77 -36.23 3.67
CA GLU B 145 -4.92 -34.85 3.21
C GLU B 145 -4.30 -34.69 1.82
N LEU B 146 -3.15 -35.32 1.62
CA LEU B 146 -2.49 -35.26 0.32
C LEU B 146 -3.37 -35.81 -0.81
N LEU B 147 -4.04 -36.92 -0.55
CA LEU B 147 -4.88 -37.56 -1.57
C LEU B 147 -6.04 -36.65 -1.95
N ASN B 148 -6.65 -36.03 -0.95
CA ASN B 148 -7.71 -35.05 -1.19
C ASN B 148 -7.20 -33.87 -2.03
N LEU B 149 -6.03 -33.35 -1.70
CA LEU B 149 -5.47 -32.21 -2.43
C LEU B 149 -5.15 -32.60 -3.87
N ALA B 150 -4.58 -33.79 -4.02
CA ALA B 150 -4.19 -34.27 -5.34
C ALA B 150 -5.40 -34.41 -6.29
N ARG B 151 -6.51 -34.96 -5.81
CA ARG B 151 -7.63 -35.12 -6.73
C ARG B 151 -8.25 -33.75 -7.03
N THR B 152 -8.22 -32.85 -6.07
CA THR B 152 -8.71 -31.49 -6.28
C THR B 152 -7.90 -30.76 -7.35
N PHE B 153 -6.57 -30.92 -7.30
CA PHE B 153 -5.68 -30.18 -8.18
C PHE B 153 -5.16 -30.99 -9.36
N LYS B 154 -5.76 -32.17 -9.58
CA LYS B 154 -5.39 -33.06 -10.68
C LYS B 154 -3.96 -33.59 -10.58
N GLY B 155 -3.50 -33.81 -9.35
CA GLY B 155 -2.24 -34.47 -9.14
C GLY B 155 -2.41 -35.96 -8.97
N LYS B 156 -1.30 -36.69 -8.97
CA LYS B 156 -1.33 -38.12 -8.73
C LYS B 156 -0.37 -38.44 -7.58
N VAL B 157 -0.74 -39.39 -6.74
CA VAL B 157 0.08 -39.72 -5.57
C VAL B 157 0.57 -41.17 -5.63
N ARG B 158 1.84 -41.39 -5.33
CA ARG B 158 2.32 -42.75 -5.10
C ARG B 158 3.11 -42.81 -3.81
N ARG B 159 3.57 -44.00 -3.45
CA ARG B 159 4.48 -44.13 -2.31
C ARG B 159 5.84 -44.60 -2.78
N SER B 160 6.87 -44.16 -2.06
CA SER B 160 8.20 -44.69 -2.26
C SER B 160 8.33 -46.00 -1.53
N SER B 161 9.46 -46.69 -1.73
CA SER B 161 9.71 -47.93 -1.01
C SER B 161 9.88 -47.67 0.49
N HIS B 162 10.09 -46.41 0.85
CA HIS B 162 10.26 -46.01 2.25
C HIS B 162 8.94 -45.61 2.93
N GLY B 163 7.82 -45.77 2.22
CA GLY B 163 6.52 -45.47 2.79
C GLY B 163 6.13 -43.99 2.75
N THR B 164 7.00 -43.16 2.21
CA THR B 164 6.74 -41.73 2.07
C THR B 164 5.93 -41.48 0.80
N ASN B 165 5.24 -40.34 0.72
CA ASN B 165 4.50 -40.06 -0.48
C ASN B 165 5.28 -39.21 -1.45
N ILE B 166 4.99 -39.42 -2.73
CA ILE B 166 5.47 -38.57 -3.81
C ILE B 166 4.25 -38.12 -4.61
N CYS B 167 4.10 -36.81 -4.77
CA CYS B 167 2.98 -36.30 -5.55
C CYS B 167 3.46 -35.67 -6.85
N ARG B 168 2.91 -36.12 -7.97
CA ARG B 168 3.20 -35.51 -9.26
C ARG B 168 2.06 -34.60 -9.67
N ILE B 169 2.38 -33.36 -9.98
CA ILE B 169 1.34 -32.44 -10.41
C ILE B 169 1.90 -31.52 -11.47
N ARG B 170 1.08 -31.24 -12.47
CA ARG B 170 1.45 -30.33 -13.55
C ARG B 170 0.87 -28.93 -13.28
N VAL B 171 1.70 -27.89 -13.30
CA VAL B 171 1.17 -26.54 -13.23
C VAL B 171 1.71 -25.76 -14.43
N PRO B 172 0.85 -24.91 -15.01
CA PRO B 172 1.17 -24.20 -16.25
C PRO B 172 2.50 -23.42 -16.25
N SER B 173 2.84 -22.70 -15.18
CA SER B 173 3.98 -21.78 -15.25
C SER B 173 5.30 -22.48 -14.95
N LEU B 174 5.24 -23.70 -14.43
CA LEU B 174 6.44 -24.36 -13.90
C LEU B 174 6.66 -25.77 -14.47
N GLY B 175 5.61 -26.38 -15.04
CA GLY B 175 5.72 -27.71 -15.62
C GLY B 175 5.44 -28.83 -14.63
N PRO B 176 5.72 -30.07 -15.02
CA PRO B 176 5.54 -31.22 -14.13
C PRO B 176 6.38 -31.08 -12.88
N THR B 177 5.75 -31.26 -11.72
CA THR B 177 6.41 -31.07 -10.45
C THR B 177 6.23 -32.31 -9.60
N PHE B 178 7.31 -32.72 -8.92
CA PHE B 178 7.30 -33.91 -8.08
C PHE B 178 7.60 -33.48 -6.64
N ILE B 179 6.66 -33.75 -5.74
CA ILE B 179 6.78 -33.22 -4.40
C ILE B 179 6.84 -34.33 -3.39
N SER B 180 7.83 -34.27 -2.50
CA SER B 180 7.94 -35.25 -1.45
C SER B 180 8.72 -34.72 -0.26
N GLU B 181 8.14 -34.89 0.93
CA GLU B 181 8.83 -34.59 2.19
C GLU B 181 9.49 -33.22 2.23
N GLY B 182 8.77 -32.21 1.74
CA GLY B 182 9.25 -30.83 1.85
C GLY B 182 10.15 -30.40 0.70
N TRP B 183 10.23 -31.22 -0.33
CA TRP B 183 11.04 -30.94 -1.52
C TRP B 183 10.16 -30.88 -2.75
N ALA B 184 10.48 -30.01 -3.70
CA ALA B 184 9.76 -29.96 -4.98
C ALA B 184 10.74 -30.01 -6.14
N TYR B 185 10.63 -31.01 -7.00
CA TYR B 185 11.49 -31.10 -8.18
C TYR B 185 10.71 -30.79 -9.45
N PHE B 186 11.24 -29.85 -10.21
CA PHE B 186 10.59 -29.34 -11.41
C PHE B 186 11.28 -29.94 -12.60
N LYS B 187 10.65 -30.96 -13.18
CA LYS B 187 11.31 -31.78 -14.19
C LYS B 187 11.63 -31.03 -15.47
N LYS B 188 10.78 -30.06 -15.82
CA LYS B 188 11.01 -29.28 -17.04
C LYS B 188 12.17 -28.32 -16.86
N LEU B 189 12.35 -27.83 -15.65
CA LEU B 189 13.30 -26.77 -15.37
C LEU B 189 14.64 -27.29 -14.85
N ASP B 190 14.68 -28.57 -14.46
CA ASP B 190 15.82 -29.18 -13.78
C ASP B 190 16.14 -28.44 -12.49
N ILE B 191 15.11 -28.07 -11.73
CA ILE B 191 15.32 -27.34 -10.49
C ILE B 191 14.75 -28.12 -9.31
N LEU B 192 15.59 -28.28 -8.28
CA LEU B 192 15.18 -28.83 -7.00
C LEU B 192 15.03 -27.69 -5.97
N MET B 193 13.82 -27.48 -5.48
CA MET B 193 13.58 -26.50 -4.41
C MET B 193 13.33 -27.20 -3.10
N ASP B 194 13.79 -26.61 -2.00
CA ASP B 194 13.27 -26.98 -0.70
C ASP B 194 12.11 -26.06 -0.36
N ARG B 195 11.47 -26.32 0.78
CA ARG B 195 10.32 -25.53 1.18
C ARG B 195 10.67 -24.04 1.27
N ASN B 196 11.84 -23.73 1.85
CA ASN B 196 12.22 -22.32 1.99
C ASN B 196 12.33 -21.57 0.67
N PHE B 197 12.94 -22.21 -0.33
CA PHE B 197 13.12 -21.52 -1.60
C PHE B 197 11.77 -21.32 -2.30
N LEU B 198 10.93 -22.34 -2.27
CA LEU B 198 9.61 -22.22 -2.89
C LEU B 198 8.76 -21.13 -2.21
N LEU B 199 8.85 -21.06 -0.88
CA LEU B 199 8.15 -20.03 -0.12
C LEU B 199 8.69 -18.64 -0.49
N MET B 200 9.99 -18.57 -0.71
CA MET B 200 10.61 -17.31 -1.10
C MET B 200 10.03 -16.83 -2.43
N VAL B 201 9.96 -17.73 -3.40
CA VAL B 201 9.43 -17.38 -4.71
C VAL B 201 7.96 -16.97 -4.62
N LYS B 202 7.17 -17.72 -3.86
CA LYS B 202 5.75 -17.40 -3.73
C LYS B 202 5.55 -16.01 -3.09
N ASP B 203 6.36 -15.66 -2.09
CA ASP B 203 6.26 -14.34 -1.46
C ASP B 203 6.54 -13.21 -2.45
N VAL B 204 7.46 -13.45 -3.38
CA VAL B 204 7.75 -12.45 -4.41
C VAL B 204 6.51 -12.23 -5.28
N ILE B 205 5.94 -13.32 -5.79
CA ILE B 205 4.75 -13.22 -6.64
C ILE B 205 3.57 -12.57 -5.92
N ILE B 206 3.29 -13.00 -4.69
CA ILE B 206 2.20 -12.40 -3.92
C ILE B 206 2.46 -10.90 -3.74
N GLY B 207 3.71 -10.56 -3.42
CA GLY B 207 4.09 -9.17 -3.21
C GLY B 207 3.85 -8.32 -4.44
N ARG B 208 4.22 -8.84 -5.61
CA ARG B 208 4.06 -8.06 -6.84
C ARG B 208 2.58 -7.91 -7.16
N MET B 209 1.79 -8.96 -6.98
CA MET B 209 0.33 -8.82 -7.10
C MET B 209 -0.23 -7.77 -6.15
N GLN B 210 0.20 -7.82 -4.89
CA GLN B 210 -0.27 -6.87 -3.87
C GLN B 210 0.03 -5.43 -4.26
N THR B 211 1.23 -5.19 -4.77
CA THR B 211 1.63 -3.83 -5.14
C THR B 211 0.74 -3.32 -6.27
N VAL B 212 0.59 -4.13 -7.31
CA VAL B 212 -0.23 -3.73 -8.44
C VAL B 212 -1.68 -3.53 -7.98
N LEU B 213 -2.18 -4.47 -7.17
CA LEU B 213 -3.53 -4.34 -6.59
C LEU B 213 -3.70 -3.07 -5.78
N SER B 214 -2.72 -2.74 -4.93
CA SER B 214 -2.81 -1.54 -4.10
C SER B 214 -2.88 -0.27 -4.95
N MET B 215 -2.33 -0.33 -6.16
CA MET B 215 -2.31 0.83 -7.04
C MET B 215 -3.63 1.01 -7.77
N VAL B 216 -4.35 -0.11 -7.91
CA VAL B 216 -5.65 -0.11 -8.59
C VAL B 216 -6.84 -0.10 -7.60
N CYS B 217 -6.65 -0.70 -6.43
CA CYS B 217 -7.72 -0.81 -5.42
C CYS B 217 -7.87 0.50 -4.65
N ARG B 218 -8.27 1.55 -5.35
CA ARG B 218 -8.30 2.87 -4.73
C ARG B 218 -9.59 3.59 -5.00
N ILE B 219 -9.90 4.53 -4.12
CA ILE B 219 -11.10 5.33 -4.26
C ILE B 219 -10.75 6.76 -4.68
N ASP B 220 -9.45 7.07 -4.77
CA ASP B 220 -9.02 8.43 -5.07
C ASP B 220 -8.40 8.63 -6.45
N ASN B 221 -8.29 7.57 -7.23
CA ASN B 221 -7.69 7.64 -8.56
C ASN B 221 -6.29 8.28 -8.58
N LEU B 222 -5.49 7.95 -7.58
CA LEU B 222 -4.18 8.57 -7.40
C LEU B 222 -3.16 8.17 -8.46
N PHE B 223 -3.23 6.94 -8.96
CA PHE B 223 -2.25 6.44 -9.92
C PHE B 223 -2.83 6.20 -11.33
N SER B 224 -2.05 6.57 -12.35
CA SER B 224 -2.39 6.29 -13.74
C SER B 224 -1.84 4.92 -14.14
N GLU B 225 -2.21 4.45 -15.34
CA GLU B 225 -1.61 3.20 -15.81
C GLU B 225 -0.13 3.44 -16.08
N GLN B 226 0.22 4.67 -16.42
CA GLN B 226 1.60 5.06 -16.61
C GLN B 226 2.42 4.81 -15.35
N ASP B 227 1.86 5.15 -14.20
CA ASP B 227 2.53 4.93 -12.91
C ASP B 227 2.78 3.45 -12.66
N ILE B 228 1.80 2.63 -13.02
CA ILE B 228 1.92 1.18 -12.87
C ILE B 228 3.08 0.68 -13.73
N PHE B 229 3.19 1.19 -14.96
CA PHE B 229 4.29 0.84 -15.86
C PHE B 229 5.65 1.25 -15.32
N SER B 230 5.70 2.37 -14.60
CA SER B 230 6.94 2.79 -13.96
C SER B 230 7.37 1.78 -12.90
N LEU B 231 6.41 1.32 -12.09
CA LEU B 231 6.68 0.31 -11.10
C LEU B 231 7.09 -0.99 -11.80
N LEU B 232 6.37 -1.37 -12.85
CA LEU B 232 6.74 -2.59 -13.58
C LEU B 232 8.13 -2.49 -14.20
N ASN B 233 8.54 -1.29 -14.60
CA ASN B 233 9.88 -1.10 -15.16
C ASN B 233 10.96 -1.23 -14.08
N ILE B 234 10.65 -0.77 -12.86
CA ILE B 234 11.50 -1.01 -11.71
C ILE B 234 11.73 -2.50 -11.51
N TYR B 235 10.65 -3.29 -11.48
CA TYR B 235 10.76 -4.73 -11.34
C TYR B 235 11.67 -5.29 -12.42
N ARG B 236 11.44 -4.84 -13.65
CA ARG B 236 12.14 -5.36 -14.82
C ARG B 236 13.65 -5.13 -14.73
N ILE B 237 14.04 -3.91 -14.39
CA ILE B 237 15.45 -3.56 -14.23
C ILE B 237 16.10 -4.44 -13.16
N GLY B 238 15.44 -4.53 -12.02
CA GLY B 238 15.93 -5.35 -10.91
C GLY B 238 16.04 -6.83 -11.28
N ASP B 239 15.07 -7.33 -12.04
CA ASP B 239 15.08 -8.74 -12.46
C ASP B 239 16.27 -9.05 -13.35
N LYS B 240 16.68 -8.09 -14.18
CA LYS B 240 17.83 -8.31 -15.04
C LYS B 240 19.12 -8.41 -14.20
N ILE B 241 19.17 -7.67 -13.09
CA ILE B 241 20.30 -7.81 -12.18
C ILE B 241 20.32 -9.22 -11.59
N VAL B 242 19.16 -9.71 -11.16
CA VAL B 242 19.07 -11.07 -10.61
C VAL B 242 19.44 -12.11 -11.66
N GLU B 243 18.96 -11.89 -12.89
CA GLU B 243 19.28 -12.81 -14.00
C GLU B 243 20.79 -12.87 -14.28
N ARG B 244 21.45 -11.71 -14.28
CA ARG B 244 22.88 -11.67 -14.58
C ARG B 244 23.79 -12.06 -13.42
N GLN B 245 23.44 -11.65 -12.21
CA GLN B 245 24.32 -11.81 -11.05
C GLN B 245 23.89 -12.91 -10.06
N GLY B 246 22.67 -13.44 -10.22
CA GLY B 246 22.20 -14.50 -9.34
C GLY B 246 22.17 -14.12 -7.86
N ASN B 247 22.76 -14.97 -7.03
CA ASN B 247 22.71 -14.71 -5.58
C ASN B 247 23.45 -13.44 -5.21
N PHE B 248 24.39 -13.02 -6.05
CA PHE B 248 25.17 -11.80 -5.77
C PHE B 248 24.41 -10.51 -6.05
N SER B 249 23.23 -10.62 -6.65
CA SER B 249 22.40 -9.44 -6.96
C SER B 249 21.92 -8.70 -5.72
N TYR B 250 21.74 -9.44 -4.63
CA TYR B 250 21.03 -8.87 -3.47
C TYR B 250 21.88 -7.83 -2.76
N ASP B 251 23.20 -7.96 -2.87
CA ASP B 251 24.08 -6.97 -2.26
C ASP B 251 23.96 -5.64 -3.01
N LEU B 252 23.45 -5.68 -4.23
CA LEU B 252 23.18 -4.45 -4.99
C LEU B 252 21.76 -3.94 -4.75
N ILE B 253 20.81 -4.86 -4.87
CA ILE B 253 19.38 -4.57 -4.76
C ILE B 253 19.01 -4.04 -3.37
N LYS B 254 19.82 -4.36 -2.36
CA LYS B 254 19.61 -3.79 -1.02
C LYS B 254 19.63 -2.25 -1.02
N MET B 255 20.26 -1.64 -2.03
CA MET B 255 20.37 -0.19 -2.05
C MET B 255 19.05 0.48 -2.44
N VAL B 256 18.06 -0.29 -2.88
CA VAL B 256 16.76 0.29 -3.26
C VAL B 256 16.13 1.05 -2.07
N GLU B 257 16.30 0.54 -0.85
CA GLU B 257 15.81 1.22 0.34
C GLU B 257 16.46 2.60 0.55
N PRO B 258 17.81 2.68 0.74
CA PRO B 258 18.30 4.05 0.92
C PRO B 258 18.18 4.96 -0.29
N ILE B 259 18.15 4.39 -1.50
CA ILE B 259 17.92 5.24 -2.67
C ILE B 259 16.54 5.89 -2.52
N CYS B 260 15.53 5.10 -2.16
CA CYS B 260 14.20 5.68 -1.95
C CYS B 260 14.23 6.71 -0.80
N ASN B 261 15.00 6.43 0.25
CA ASN B 261 15.19 7.40 1.35
C ASN B 261 15.61 8.77 0.83
N LEU B 262 16.63 8.76 -0.03
CA LEU B 262 17.20 9.97 -0.57
C LEU B 262 16.17 10.68 -1.43
N LYS B 263 15.45 9.91 -2.24
CA LYS B 263 14.47 10.51 -3.14
C LYS B 263 13.37 11.22 -2.34
N LEU B 264 12.92 10.57 -1.27
CA LEU B 264 11.91 11.18 -0.40
C LEU B 264 12.43 12.47 0.21
N MET B 265 13.71 12.51 0.56
CA MET B 265 14.28 13.75 1.07
C MET B 265 14.32 14.82 -0.01
N LYS B 266 14.66 14.44 -1.24
CA LYS B 266 14.73 15.41 -2.33
C LYS B 266 13.35 15.94 -2.67
N LEU B 267 12.34 15.07 -2.62
CA LEU B 267 10.98 15.52 -2.90
C LEU B 267 10.50 16.47 -1.83
N ALA B 268 10.84 16.17 -0.58
CA ALA B 268 10.48 17.07 0.52
C ALA B 268 11.19 18.42 0.40
N ARG B 269 12.33 18.46 -0.29
CA ARG B 269 13.08 19.70 -0.47
C ARG B 269 12.44 20.61 -1.52
N GLU B 270 11.63 20.02 -2.41
CA GLU B 270 10.94 20.79 -3.43
C GLU B 270 9.90 21.71 -2.82
N SER B 271 9.32 21.28 -1.69
CA SER B 271 8.61 22.20 -0.80
C SER B 271 9.59 22.56 0.30
N ARG B 272 9.20 23.46 1.20
CA ARG B 272 10.10 23.93 2.26
C ARG B 272 11.46 24.32 1.68
N PRO B 273 11.54 25.50 1.04
CA PRO B 273 12.65 25.94 0.21
C PRO B 273 14.04 25.59 0.75
N LEU B 274 14.28 25.83 2.04
CA LEU B 274 15.59 25.54 2.60
C LEU B 274 15.53 24.87 3.97
N VAL B 275 15.15 23.60 3.97
CA VAL B 275 15.55 22.70 5.03
C VAL B 275 16.99 22.34 4.67
N PRO B 276 17.90 22.32 5.64
CA PRO B 276 19.32 22.05 5.40
C PRO B 276 19.62 20.82 4.52
N GLN B 277 20.72 20.88 3.80
CA GLN B 277 21.17 19.78 2.94
C GLN B 277 21.88 18.70 3.75
N PHE B 278 21.92 17.50 3.21
CA PHE B 278 22.61 16.38 3.84
C PHE B 278 23.55 15.71 2.87
N PRO B 279 24.72 16.32 2.67
CA PRO B 279 25.73 15.83 1.72
C PRO B 279 26.14 14.40 2.03
N HIS B 280 26.41 14.11 3.30
CA HIS B 280 26.95 12.81 3.70
C HIS B 280 26.06 11.64 3.29
N PHE B 281 24.77 11.72 3.55
CA PHE B 281 23.87 10.62 3.22
C PHE B 281 23.84 10.41 1.71
N GLU B 282 23.72 11.50 0.95
CA GLU B 282 23.66 11.40 -0.50
C GLU B 282 24.99 10.94 -1.09
N ASN B 283 26.08 11.48 -0.57
CA ASN B 283 27.41 11.05 -1.01
C ASN B 283 27.59 9.56 -0.78
N HIS B 284 27.06 9.08 0.35
CA HIS B 284 27.11 7.66 0.65
C HIS B 284 26.37 6.83 -0.38
N ILE B 285 25.18 7.28 -0.77
CA ILE B 285 24.39 6.55 -1.75
C ILE B 285 25.07 6.58 -3.12
N LYS B 286 25.59 7.74 -3.51
CA LYS B 286 26.25 7.86 -4.81
C LYS B 286 27.49 6.95 -4.92
N THR B 287 28.31 6.94 -3.88
CA THR B 287 29.50 6.09 -3.85
C THR B 287 29.12 4.61 -3.90
N SER B 288 28.11 4.25 -3.11
CA SER B 288 27.64 2.87 -3.02
C SER B 288 27.08 2.39 -4.34
N VAL B 289 26.27 3.22 -4.98
CA VAL B 289 25.66 2.84 -6.25
C VAL B 289 26.74 2.77 -7.32
N ASP B 290 27.69 3.69 -7.29
CA ASP B 290 28.78 3.72 -8.27
C ASP B 290 29.66 2.47 -8.20
N GLU B 291 29.95 2.03 -6.98
CA GLU B 291 30.72 0.80 -6.78
C GLU B 291 29.93 -0.41 -7.24
N GLY B 292 28.66 -0.46 -6.88
CA GLY B 292 27.81 -1.57 -7.27
C GLY B 292 27.67 -1.68 -8.77
N ALA B 293 27.64 -0.54 -9.44
CA ALA B 293 27.49 -0.47 -10.89
C ALA B 293 28.69 -1.03 -11.64
N LYS B 294 29.84 -1.12 -10.97
CA LYS B 294 31.02 -1.80 -11.49
C LYS B 294 30.75 -3.29 -11.64
N ILE B 295 29.86 -3.82 -10.81
CA ILE B 295 29.49 -5.22 -10.87
C ILE B 295 28.34 -5.42 -11.83
N ASP B 296 27.31 -4.59 -11.68
CA ASP B 296 26.19 -4.63 -12.59
C ASP B 296 25.58 -3.25 -12.83
N ARG B 297 25.61 -2.84 -14.09
CA ARG B 297 25.02 -1.60 -14.55
C ARG B 297 23.61 -1.33 -14.04
N GLY B 298 22.86 -2.40 -13.81
CA GLY B 298 21.47 -2.31 -13.42
C GLY B 298 21.20 -1.53 -12.17
N ILE B 299 22.12 -1.54 -11.20
CA ILE B 299 21.82 -0.86 -9.95
C ILE B 299 21.83 0.67 -10.17
N ARG B 300 22.64 1.13 -11.12
CA ARG B 300 22.60 2.54 -11.50
C ARG B 300 21.33 2.87 -12.29
N PHE B 301 20.93 1.98 -13.19
CA PHE B 301 19.65 2.16 -13.88
C PHE B 301 18.50 2.21 -12.87
N LEU B 302 18.56 1.38 -11.84
CA LEU B 302 17.52 1.34 -10.82
C LEU B 302 17.50 2.66 -10.05
N HIS B 303 18.68 3.12 -9.67
CA HIS B 303 18.84 4.43 -9.04
C HIS B 303 18.25 5.56 -9.90
N ASP B 304 18.61 5.57 -11.19
CA ASP B 304 18.11 6.60 -12.10
C ASP B 304 16.59 6.55 -12.25
N GLN B 305 16.04 5.35 -12.31
CA GLN B 305 14.59 5.20 -12.48
C GLN B 305 13.87 5.72 -11.24
N ILE B 306 14.39 5.43 -10.05
CA ILE B 306 13.80 5.96 -8.82
C ILE B 306 13.92 7.48 -8.71
N MET B 307 15.08 8.02 -9.11
CA MET B 307 15.24 9.47 -9.02
C MET B 307 14.34 10.20 -10.02
N SER B 308 13.86 9.48 -11.04
CA SER B 308 13.02 10.10 -12.06
C SER B 308 11.55 10.22 -11.63
N VAL B 309 11.19 9.51 -10.55
CA VAL B 309 9.81 9.54 -10.05
C VAL B 309 9.41 10.96 -9.58
N LYS B 310 8.17 11.32 -9.86
CA LYS B 310 7.72 12.70 -9.63
C LYS B 310 7.00 12.91 -8.30
N THR B 311 6.54 11.84 -7.67
CA THR B 311 5.71 11.98 -6.49
C THR B 311 6.18 11.20 -5.28
N VAL B 312 5.87 11.72 -4.10
CA VAL B 312 6.08 10.97 -2.86
C VAL B 312 5.34 9.64 -2.91
N ASP B 313 4.11 9.67 -3.40
CA ASP B 313 3.25 8.50 -3.36
C ASP B 313 3.78 7.30 -4.14
N LEU B 314 4.26 7.54 -5.35
CA LEU B 314 4.86 6.48 -6.16
C LEU B 314 6.20 6.03 -5.57
N THR B 315 6.96 6.95 -5.01
CA THR B 315 8.23 6.57 -4.37
C THR B 315 7.98 5.61 -3.20
N LEU B 316 6.91 5.85 -2.45
CA LEU B 316 6.55 4.98 -1.31
C LEU B 316 6.11 3.60 -1.78
N VAL B 317 5.51 3.54 -2.96
CA VAL B 317 5.10 2.25 -3.52
C VAL B 317 6.34 1.44 -3.85
N ILE B 318 7.31 2.11 -4.45
CA ILE B 318 8.58 1.46 -4.78
C ILE B 318 9.33 1.03 -3.52
N TYR B 319 9.39 1.91 -2.52
CA TYR B 319 10.01 1.56 -1.25
C TYR B 319 9.31 0.32 -0.69
N GLY B 320 7.98 0.30 -0.77
CA GLY B 320 7.20 -0.80 -0.20
C GLY B 320 7.42 -2.12 -0.91
N SER B 321 7.99 -2.03 -2.11
CA SER B 321 8.30 -3.19 -2.93
C SER B 321 9.76 -3.62 -2.81
N PHE B 322 10.48 -3.14 -1.79
CA PHE B 322 11.92 -3.41 -1.78
C PHE B 322 12.28 -4.89 -1.58
N ARG B 323 11.33 -5.71 -1.12
CA ARG B 323 11.60 -7.13 -0.95
C ARG B 323 11.15 -7.94 -2.17
N HIS B 324 10.68 -7.25 -3.20
CA HIS B 324 9.99 -7.96 -4.29
C HIS B 324 10.90 -8.53 -5.36
N TRP B 325 12.20 -8.64 -5.05
CA TRP B 325 13.11 -9.46 -5.86
C TRP B 325 13.51 -10.70 -5.09
N GLY B 326 12.97 -10.83 -3.88
CA GLY B 326 13.24 -12.00 -3.06
C GLY B 326 14.40 -11.84 -2.10
N HIS B 327 14.97 -12.98 -1.71
CA HIS B 327 15.99 -13.03 -0.66
C HIS B 327 17.08 -13.97 -1.12
N PRO B 328 18.33 -13.67 -0.73
CA PRO B 328 19.45 -14.52 -1.16
C PRO B 328 19.61 -15.83 -0.38
N PHE B 329 20.29 -16.80 -0.99
CA PHE B 329 20.79 -17.95 -0.24
C PHE B 329 21.84 -17.48 0.73
N ILE B 330 21.85 -18.11 1.89
CA ILE B 330 22.86 -17.91 2.90
C ILE B 330 23.74 -19.17 2.98
N ASP B 331 25.02 -18.98 3.22
CA ASP B 331 25.89 -20.13 3.42
C ASP B 331 25.73 -20.63 4.87
N TYR B 332 25.53 -21.93 5.06
CA TYR B 332 25.35 -22.44 6.41
C TYR B 332 26.49 -22.09 7.37
N TYR B 333 27.72 -22.14 6.87
CA TYR B 333 28.89 -21.97 7.74
C TYR B 333 29.17 -20.51 8.06
N THR B 334 28.98 -19.64 7.08
CA THR B 334 29.26 -18.23 7.32
C THR B 334 28.06 -17.53 7.96
N GLY B 335 26.86 -17.98 7.60
CA GLY B 335 25.64 -17.33 8.05
C GLY B 335 25.37 -16.08 7.23
N LEU B 336 26.21 -15.87 6.21
CA LEU B 336 26.09 -14.70 5.33
C LEU B 336 25.78 -15.14 3.91
N GLU B 337 25.49 -14.17 3.05
CA GLU B 337 25.04 -14.44 1.68
C GLU B 337 25.98 -15.32 0.86
N LYS B 338 25.53 -16.54 0.57
CA LYS B 338 26.17 -17.45 -0.38
C LYS B 338 25.30 -18.68 -0.56
#